data_5N3P
#
_entry.id   5N3P
#
_cell.length_a   51.763
_cell.length_b   71.711
_cell.length_c   97.668
_cell.angle_alpha   90.00
_cell.angle_beta   90.00
_cell.angle_gamma   90.00
#
_symmetry.space_group_name_H-M   'P 21 21 21'
#
loop_
_entity.id
_entity.type
_entity.pdbx_description
1 polymer 'cAMP-dependent protein kinase catalytic subunit alpha'
2 non-polymer (4S)-2-METHYL-2,4-PENTANEDIOL
3 non-polymer 1H-indol-5-ol
4 non-polymer 'DIMETHYL SULFOXIDE'
5 water water
#
_entity_poly.entity_id   1
_entity_poly.type   'polypeptide(L)'
_entity_poly.pdbx_seq_one_letter_code
;GHMGNAAAAKKG(SEP)EQESVKEFLAKAKEEFLKKWESPSQNTAQLDHFDRIKTLGTGSFGRVMLVKHKETGNHYAMKI
LDKQKVVKLKQIEHTLNEKRILQAVNFPFLVKLEFSFKDNSNLYMVMEYVPGGEMFSHLRRIGRF(SEP)EPHARFYAAQ
IVLTFEYLHSLDLIYRDLKPENLLIDQQGYIQVTDFGFAKRVKGRTW(TPO)LCGTPEYLAPEIILSKGYNKAVDWWALG
VLIYEMAAGYPPFFADQPIQIYEKIVSGKVRFPSHFSSDLKDLLRNLLQVDLTKRFGNLKNGVNDIKNHKWFATTDWIAI
YQRKVEAPFIPKFKGPGDTSNFDDYEEEEIRV(SEP)INEKCGKEFTEF
;
_entity_poly.pdbx_strand_id   A
#
loop_
_chem_comp.id
_chem_comp.type
_chem_comp.name
_chem_comp.formula
5H1 non-polymer 1H-indol-5-ol 'C8 H7 N O'
DMS non-polymer 'DIMETHYL SULFOXIDE' 'C2 H6 O S'
MPD non-polymer (4S)-2-METHYL-2,4-PENTANEDIOL 'C6 H14 O2'
#
# COMPACT_ATOMS: atom_id res chain seq x y z
N GLN A 15 -9.23 19.37 -16.78
CA GLN A 15 -7.82 19.67 -17.01
C GLN A 15 -7.26 18.66 -18.02
N GLU A 16 -7.37 19.02 -19.31
CA GLU A 16 -7.13 18.08 -20.40
C GLU A 16 -5.84 17.30 -20.23
N SER A 17 -4.82 17.91 -19.65
CA SER A 17 -3.55 17.21 -19.45
C SER A 17 -3.74 16.01 -18.53
N VAL A 18 -4.47 16.20 -17.43
CA VAL A 18 -4.74 15.11 -16.49
C VAL A 18 -5.66 14.09 -17.14
N LYS A 19 -6.68 14.56 -17.86
CA LYS A 19 -7.62 13.66 -18.51
C LYS A 19 -6.89 12.73 -19.50
N GLU A 20 -6.03 13.30 -20.34
CA GLU A 20 -5.33 12.46 -21.31
C GLU A 20 -4.32 11.56 -20.62
N PHE A 21 -3.66 12.03 -19.57
CA PHE A 21 -2.76 11.14 -18.82
C PHE A 21 -3.50 9.93 -18.28
N LEU A 22 -4.65 10.16 -17.63
CA LEU A 22 -5.38 9.04 -17.01
C LEU A 22 -6.01 8.14 -18.06
N ALA A 23 -6.41 8.68 -19.21
CA ALA A 23 -6.95 7.83 -20.27
C ALA A 23 -5.88 6.87 -20.77
N LYS A 24 -4.66 7.36 -20.98
CA LYS A 24 -3.57 6.49 -21.39
C LYS A 24 -3.24 5.46 -20.30
N ALA A 25 -3.20 5.91 -19.06
CA ALA A 25 -2.94 5.00 -17.95
C ALA A 25 -3.98 3.87 -17.93
N LYS A 26 -5.25 4.18 -18.17
CA LYS A 26 -6.27 3.13 -18.15
C LYS A 26 -6.13 2.18 -19.32
N GLU A 27 -5.81 2.72 -20.51
CA GLU A 27 -5.58 1.87 -21.69
C GLU A 27 -4.50 0.86 -21.41
N GLU A 28 -3.39 1.30 -20.83
CA GLU A 28 -2.24 0.42 -20.62
C GLU A 28 -2.54 -0.60 -19.53
N PHE A 29 -3.23 -0.17 -18.47
CA PHE A 29 -3.63 -1.08 -17.41
C PHE A 29 -4.54 -2.16 -17.96
N LEU A 30 -5.57 -1.75 -18.72
CA LEU A 30 -6.55 -2.72 -19.20
C LEU A 30 -5.92 -3.78 -20.11
N LYS A 31 -4.94 -3.40 -20.93
CA LYS A 31 -4.31 -4.39 -21.80
C LYS A 31 -3.64 -5.48 -20.98
N LYS A 32 -2.92 -5.09 -19.94
CA LYS A 32 -2.27 -6.08 -19.07
C LYS A 32 -3.28 -6.81 -18.19
N TRP A 33 -4.33 -6.12 -17.75
CA TRP A 33 -5.36 -6.73 -16.92
C TRP A 33 -6.06 -7.86 -17.65
N GLU A 34 -6.32 -7.67 -18.94
N GLU A 34 -6.34 -7.65 -18.94
CA GLU A 34 -7.05 -8.67 -19.70
CA GLU A 34 -7.05 -8.66 -19.71
C GLU A 34 -6.17 -9.81 -20.19
C GLU A 34 -6.17 -9.83 -20.09
N SER A 35 -4.85 -9.65 -20.16
CA SER A 35 -3.92 -10.69 -20.57
C SER A 35 -2.75 -10.73 -19.61
N PRO A 36 -2.95 -11.28 -18.40
CA PRO A 36 -1.91 -11.17 -17.37
C PRO A 36 -0.69 -12.01 -17.69
N SER A 37 0.47 -11.54 -17.24
CA SER A 37 1.69 -12.32 -17.34
C SER A 37 1.67 -13.43 -16.28
N GLN A 38 2.29 -14.54 -16.63
CA GLN A 38 2.32 -15.71 -15.76
C GLN A 38 3.66 -16.39 -15.90
N ASN A 39 4.16 -16.94 -14.79
CA ASN A 39 5.25 -17.93 -14.83
C ASN A 39 6.51 -17.37 -15.48
N THR A 40 6.99 -16.23 -14.96
CA THR A 40 8.09 -15.51 -15.60
C THR A 40 9.43 -15.70 -14.90
N ALA A 41 9.52 -16.56 -13.89
CA ALA A 41 10.80 -16.99 -13.33
C ALA A 41 10.55 -18.30 -12.59
N GLN A 42 11.57 -18.80 -11.89
CA GLN A 42 11.40 -19.96 -11.03
C GLN A 42 12.32 -19.81 -9.82
N LEU A 43 12.06 -20.62 -8.80
CA LEU A 43 12.68 -20.39 -7.48
C LEU A 43 14.19 -20.55 -7.55
N ASP A 44 14.69 -21.52 -8.32
CA ASP A 44 16.13 -21.79 -8.29
C ASP A 44 16.92 -20.83 -9.19
N HIS A 45 16.26 -19.79 -9.71
CA HIS A 45 16.97 -18.65 -10.29
C HIS A 45 17.50 -17.70 -9.22
N PHE A 46 17.13 -17.92 -7.95
CA PHE A 46 17.43 -16.96 -6.88
C PHE A 46 18.15 -17.65 -5.72
N ASP A 47 19.00 -16.86 -5.05
CA ASP A 47 19.57 -17.19 -3.75
C ASP A 47 18.77 -16.48 -2.67
N ARG A 48 18.49 -17.17 -1.57
CA ARG A 48 17.84 -16.58 -0.41
C ARG A 48 18.86 -15.87 0.47
N ILE A 49 18.52 -14.65 0.91
CA ILE A 49 19.42 -13.84 1.74
C ILE A 49 18.89 -13.68 3.16
N LYS A 50 17.66 -13.17 3.31
CA LYS A 50 17.16 -12.78 4.62
C LYS A 50 15.64 -12.64 4.61
N THR A 51 15.01 -13.01 5.72
CA THR A 51 13.57 -12.76 5.88
C THR A 51 13.35 -11.31 6.29
N LEU A 52 12.53 -10.59 5.52
CA LEU A 52 12.25 -9.19 5.77
C LEU A 52 10.92 -8.95 6.48
N GLY A 53 10.02 -9.92 6.46
CA GLY A 53 8.73 -9.78 7.10
C GLY A 53 8.00 -11.10 7.05
N THR A 54 7.06 -11.28 7.98
N THR A 54 7.07 -11.27 7.97
CA THR A 54 6.36 -12.56 8.06
CA THR A 54 6.31 -12.50 8.06
C THR A 54 4.94 -12.37 8.60
C THR A 54 4.85 -12.17 8.30
N GLY A 55 4.01 -13.16 8.07
CA GLY A 55 2.60 -13.06 8.37
C GLY A 55 1.94 -14.42 8.51
N SER A 56 0.61 -14.41 8.63
CA SER A 56 -0.09 -15.67 8.95
C SER A 56 -0.08 -16.65 7.77
N PHE A 57 0.02 -16.17 6.53
CA PHE A 57 0.06 -17.08 5.40
C PHE A 57 1.20 -16.79 4.42
N GLY A 58 2.16 -15.96 4.80
CA GLY A 58 3.28 -15.74 3.90
C GLY A 58 4.42 -15.01 4.55
N ARG A 59 5.44 -14.77 3.74
CA ARG A 59 6.67 -14.10 4.17
C ARG A 59 7.17 -13.26 3.01
N VAL A 60 8.05 -12.31 3.32
CA VAL A 60 8.79 -11.59 2.29
C VAL A 60 10.29 -11.81 2.56
N MET A 61 11.01 -12.22 1.52
N MET A 61 11.03 -12.18 1.52
CA MET A 61 12.43 -12.52 1.57
CA MET A 61 12.43 -12.54 1.63
C MET A 61 13.22 -11.56 0.70
C MET A 61 13.29 -11.73 0.68
N LEU A 62 14.39 -11.17 1.17
CA LEU A 62 15.40 -10.62 0.28
C LEU A 62 16.04 -11.78 -0.47
N VAL A 63 16.05 -11.71 -1.80
CA VAL A 63 16.72 -12.70 -2.64
C VAL A 63 17.66 -11.98 -3.60
N LYS A 64 18.59 -12.76 -4.17
CA LYS A 64 19.48 -12.27 -5.22
C LYS A 64 19.37 -13.17 -6.44
N HIS A 65 19.18 -12.56 -7.60
CA HIS A 65 19.14 -13.30 -8.85
C HIS A 65 20.52 -13.79 -9.21
N LYS A 66 20.64 -15.10 -9.48
CA LYS A 66 21.96 -15.71 -9.52
C LYS A 66 22.73 -15.32 -10.77
N GLU A 67 22.03 -14.97 -11.86
CA GLU A 67 22.70 -14.60 -13.09
C GLU A 67 22.94 -13.10 -13.20
N THR A 68 21.97 -12.26 -12.83
CA THR A 68 22.15 -10.82 -12.96
C THR A 68 22.76 -10.18 -11.73
N GLY A 69 22.66 -10.81 -10.56
CA GLY A 69 23.12 -10.23 -9.33
C GLY A 69 22.18 -9.20 -8.72
N ASN A 70 21.03 -8.97 -9.33
CA ASN A 70 20.07 -8.00 -8.82
C ASN A 70 19.38 -8.53 -7.57
N HIS A 71 19.12 -7.64 -6.63
CA HIS A 71 18.33 -7.97 -5.46
C HIS A 71 16.86 -7.71 -5.70
N TYR A 72 16.02 -8.53 -5.05
CA TYR A 72 14.58 -8.40 -5.11
C TYR A 72 13.97 -8.77 -3.78
N ALA A 73 12.73 -8.30 -3.55
CA ALA A 73 11.91 -8.75 -2.42
C ALA A 73 10.91 -9.77 -2.92
N MET A 74 11.06 -11.02 -2.46
CA MET A 74 10.23 -12.11 -2.92
C MET A 74 9.16 -12.40 -1.87
N LYS A 75 7.89 -12.16 -2.24
CA LYS A 75 6.79 -12.50 -1.37
C LYS A 75 6.34 -13.93 -1.65
N ILE A 76 6.30 -14.74 -0.60
CA ILE A 76 6.05 -16.18 -0.71
C ILE A 76 4.77 -16.47 0.06
N LEU A 77 3.74 -16.95 -0.64
CA LEU A 77 2.46 -17.26 -0.02
C LEU A 77 2.21 -18.76 -0.05
N ASP A 78 1.88 -19.32 1.11
CA ASP A 78 1.60 -20.74 1.25
C ASP A 78 0.18 -21.02 0.81
N LYS A 79 0.02 -21.75 -0.29
CA LYS A 79 -1.31 -21.93 -0.88
C LYS A 79 -2.28 -22.54 0.12
N GLN A 80 -1.84 -23.53 0.89
CA GLN A 80 -2.75 -24.17 1.84
C GLN A 80 -3.22 -23.19 2.92
N LYS A 81 -2.34 -22.28 3.35
CA LYS A 81 -2.73 -21.31 4.37
C LYS A 81 -3.61 -20.21 3.78
N VAL A 82 -3.38 -19.85 2.52
CA VAL A 82 -4.25 -18.88 1.85
C VAL A 82 -5.67 -19.42 1.81
N VAL A 83 -5.84 -20.67 1.37
CA VAL A 83 -7.15 -21.30 1.33
C VAL A 83 -7.78 -21.31 2.72
N LYS A 84 -7.04 -21.82 3.71
CA LYS A 84 -7.58 -21.90 5.07
C LYS A 84 -8.06 -20.55 5.57
N LEU A 85 -7.30 -19.49 5.31
CA LEU A 85 -7.62 -18.16 5.82
C LEU A 85 -8.50 -17.37 4.85
N LYS A 86 -9.07 -18.03 3.84
CA LYS A 86 -10.09 -17.44 2.97
C LYS A 86 -9.55 -16.23 2.22
N GLN A 87 -8.31 -16.34 1.75
CA GLN A 87 -7.67 -15.27 0.99
C GLN A 87 -7.45 -15.62 -0.48
N ILE A 88 -8.16 -16.60 -1.04
CA ILE A 88 -7.89 -17.01 -2.41
C ILE A 88 -8.08 -15.86 -3.38
N GLU A 89 -9.30 -15.29 -3.41
CA GLU A 89 -9.62 -14.22 -4.34
C GLU A 89 -8.69 -13.02 -4.11
N HIS A 90 -8.40 -12.72 -2.85
CA HIS A 90 -7.50 -11.62 -2.53
C HIS A 90 -6.10 -11.82 -3.11
N THR A 91 -5.53 -13.03 -3.02
CA THR A 91 -4.18 -13.23 -3.56
C THR A 91 -4.20 -13.20 -5.08
N LEU A 92 -5.28 -13.66 -5.70
CA LEU A 92 -5.42 -13.52 -7.15
C LEU A 92 -5.56 -12.06 -7.54
N ASN A 93 -6.37 -11.30 -6.79
CA ASN A 93 -6.45 -9.85 -6.98
C ASN A 93 -5.06 -9.23 -6.94
N GLU A 94 -4.30 -9.51 -5.88
CA GLU A 94 -3.02 -8.85 -5.68
C GLU A 94 -2.11 -9.03 -6.89
N LYS A 95 -1.98 -10.25 -7.39
CA LYS A 95 -1.04 -10.47 -8.47
C LYS A 95 -1.56 -9.94 -9.80
N ARG A 96 -2.86 -10.08 -10.08
CA ARG A 96 -3.39 -9.57 -11.34
C ARG A 96 -3.28 -8.05 -11.41
N ILE A 97 -3.53 -7.36 -10.30
CA ILE A 97 -3.41 -5.92 -10.26
C ILE A 97 -1.96 -5.49 -10.38
N LEU A 98 -1.08 -6.11 -9.58
CA LEU A 98 0.31 -5.63 -9.57
C LEU A 98 0.98 -5.80 -10.92
N GLN A 99 0.71 -6.91 -11.61
CA GLN A 99 1.34 -7.08 -12.91
C GLN A 99 0.78 -6.10 -13.95
N ALA A 100 -0.32 -5.41 -13.66
CA ALA A 100 -0.93 -4.51 -14.65
C ALA A 100 -0.75 -3.01 -14.38
N VAL A 101 -0.33 -2.61 -13.18
CA VAL A 101 -0.22 -1.19 -12.85
C VAL A 101 1.20 -0.70 -13.14
N ASN A 102 1.32 0.62 -13.17
CA ASN A 102 2.58 1.30 -13.48
C ASN A 102 2.44 2.75 -13.01
N PHE A 103 3.09 3.09 -11.89
CA PHE A 103 3.02 4.44 -11.36
C PHE A 103 4.27 4.69 -10.54
N PRO A 104 4.77 5.92 -10.46
CA PRO A 104 6.08 6.12 -9.82
C PRO A 104 6.14 5.71 -8.37
N PHE A 105 5.00 5.70 -7.67
CA PHE A 105 5.00 5.43 -6.24
C PHE A 105 4.42 4.07 -5.88
N LEU A 106 4.34 3.16 -6.86
CA LEU A 106 3.96 1.76 -6.62
C LEU A 106 5.17 0.88 -6.84
N VAL A 107 5.47 0.01 -5.86
CA VAL A 107 6.53 -0.97 -6.03
C VAL A 107 6.22 -1.83 -7.27
N LYS A 108 7.25 -2.08 -8.07
CA LYS A 108 7.10 -2.85 -9.29
C LYS A 108 7.19 -4.36 -9.06
N LEU A 109 6.25 -5.08 -9.66
CA LEU A 109 6.33 -6.54 -9.74
C LEU A 109 7.23 -6.92 -10.92
N GLU A 110 8.31 -7.63 -10.64
CA GLU A 110 9.28 -8.00 -11.66
C GLU A 110 9.05 -9.39 -12.22
N PHE A 111 8.67 -10.35 -11.38
CA PHE A 111 8.39 -11.71 -11.80
C PHE A 111 7.30 -12.28 -10.91
N SER A 112 6.58 -13.28 -11.40
CA SER A 112 5.70 -14.09 -10.57
C SER A 112 5.73 -15.51 -11.08
N PHE A 113 5.43 -16.45 -10.18
CA PHE A 113 5.35 -17.87 -10.52
C PHE A 113 4.78 -18.60 -9.32
N LYS A 114 4.49 -19.89 -9.52
CA LYS A 114 3.99 -20.75 -8.47
C LYS A 114 4.68 -22.11 -8.59
N ASP A 115 4.57 -22.89 -7.52
CA ASP A 115 5.05 -24.27 -7.54
C ASP A 115 4.03 -25.11 -6.77
N ASN A 116 4.41 -26.35 -6.44
CA ASN A 116 3.45 -27.24 -5.78
C ASN A 116 2.88 -26.66 -4.49
N SER A 117 3.66 -25.86 -3.75
CA SER A 117 3.23 -25.38 -2.43
C SER A 117 2.89 -23.90 -2.38
N ASN A 118 3.60 -23.06 -3.13
CA ASN A 118 3.59 -21.62 -2.86
C ASN A 118 3.28 -20.80 -4.11
N LEU A 119 2.87 -19.56 -3.84
CA LEU A 119 2.79 -18.50 -4.83
C LEU A 119 3.94 -17.53 -4.58
N TYR A 120 4.52 -17.00 -5.65
CA TYR A 120 5.67 -16.11 -5.54
C TYR A 120 5.46 -14.83 -6.33
N MET A 121 5.65 -13.68 -5.66
CA MET A 121 5.65 -12.38 -6.31
C MET A 121 7.01 -11.74 -6.02
N VAL A 122 7.81 -11.53 -7.06
CA VAL A 122 9.16 -11.00 -6.95
C VAL A 122 9.10 -9.51 -7.29
N MET A 123 9.35 -8.66 -6.30
N MET A 123 9.34 -8.67 -6.28
CA MET A 123 9.21 -7.22 -6.41
CA MET A 123 9.22 -7.23 -6.37
C MET A 123 10.56 -6.53 -6.30
C MET A 123 10.59 -6.56 -6.38
N GLU A 124 10.61 -5.29 -6.78
CA GLU A 124 11.77 -4.46 -6.51
C GLU A 124 12.04 -4.41 -5.00
N TYR A 125 13.32 -4.47 -4.63
CA TYR A 125 13.74 -4.34 -3.24
C TYR A 125 14.03 -2.87 -2.93
N VAL A 126 13.35 -2.34 -1.92
CA VAL A 126 13.46 -0.94 -1.52
C VAL A 126 14.22 -0.88 -0.20
N PRO A 127 15.52 -0.56 -0.18
CA PRO A 127 16.30 -0.80 1.05
C PRO A 127 16.05 0.17 2.18
N GLY A 128 15.34 1.27 1.95
CA GLY A 128 15.14 2.27 2.99
C GLY A 128 14.21 1.85 4.12
N GLY A 129 13.45 0.79 3.93
CA GLY A 129 12.57 0.31 4.98
C GLY A 129 11.22 1.00 5.00
N GLU A 130 10.43 0.62 5.99
CA GLU A 130 9.05 1.06 6.11
C GLU A 130 8.99 2.46 6.69
N MET A 131 8.03 3.26 6.21
CA MET A 131 7.75 4.54 6.86
C MET A 131 7.48 4.34 8.34
N PHE A 132 6.82 3.25 8.70
CA PHE A 132 6.52 2.96 10.11
C PHE A 132 7.76 3.09 11.00
N SER A 133 8.87 2.47 10.59
CA SER A 133 10.08 2.49 11.40
C SER A 133 10.61 3.91 11.53
N HIS A 134 10.64 4.65 10.43
CA HIS A 134 11.18 6.00 10.51
C HIS A 134 10.30 6.91 11.34
N LEU A 135 8.99 6.79 11.20
CA LEU A 135 8.08 7.62 11.98
C LEU A 135 8.24 7.33 13.47
N ARG A 136 8.28 6.05 13.85
CA ARG A 136 8.44 5.70 15.26
C ARG A 136 9.80 6.11 15.81
N ARG A 137 10.84 6.09 14.96
CA ARG A 137 12.18 6.53 15.38
C ARG A 137 12.22 8.02 15.64
N ILE A 138 11.65 8.83 14.73
CA ILE A 138 11.68 10.29 14.86
C ILE A 138 10.59 10.81 15.79
N GLY A 139 9.48 10.09 15.94
CA GLY A 139 8.39 10.50 16.80
C GLY A 139 7.23 10.99 15.97
N ARG A 140 7.42 12.13 15.32
CA ARG A 140 6.42 12.62 14.36
C ARG A 140 7.13 13.38 13.26
N PHE A 141 6.48 13.46 12.11
CA PHE A 141 6.95 14.28 10.98
C PHE A 141 6.40 15.69 11.05
N SEP A 142 7.21 16.65 10.62
CA SEP A 142 6.73 18.03 10.50
CB SEP A 142 7.86 18.97 10.09
OG SEP A 142 8.24 18.66 8.77
C SEP A 142 5.64 18.06 9.43
O SEP A 142 5.51 17.13 8.62
P SEP A 142 9.64 19.35 8.31
O1P SEP A 142 10.80 18.78 9.27
O2P SEP A 142 9.93 18.93 6.81
O3P SEP A 142 9.52 20.92 8.52
H SEP A 142 8.03 16.54 10.39
HA SEP A 142 6.35 18.33 11.35
HB2 SEP A 142 8.61 18.83 10.69
HB3 SEP A 142 7.54 19.87 10.14
N GLU A 143 4.85 19.13 9.37
CA GLU A 143 3.79 19.15 8.37
C GLU A 143 4.36 19.12 6.93
N PRO A 144 5.46 19.83 6.64
CA PRO A 144 6.01 19.73 5.28
C PRO A 144 6.41 18.29 4.93
N HIS A 145 7.00 17.59 5.88
CA HIS A 145 7.43 16.21 5.69
C HIS A 145 6.22 15.29 5.48
N ALA A 146 5.21 15.41 6.33
CA ALA A 146 3.98 14.63 6.15
C ALA A 146 3.31 14.96 4.83
N ARG A 147 3.33 16.24 4.45
CA ARG A 147 2.70 16.70 3.21
C ARG A 147 3.40 16.13 1.98
N PHE A 148 4.72 16.03 2.00
CA PHE A 148 5.46 15.41 0.89
C PHE A 148 4.99 13.97 0.64
N TYR A 149 4.87 13.17 1.71
CA TYR A 149 4.38 11.80 1.57
C TYR A 149 2.89 11.77 1.22
N ALA A 150 2.09 12.63 1.84
CA ALA A 150 0.67 12.63 1.57
C ALA A 150 0.39 12.95 0.10
N ALA A 151 1.16 13.87 -0.48
CA ALA A 151 0.94 14.25 -1.89
C ALA A 151 1.15 13.04 -2.79
N GLN A 152 2.15 12.22 -2.46
CA GLN A 152 2.39 11.02 -3.26
C GLN A 152 1.23 10.04 -3.15
N ILE A 153 0.65 9.90 -1.96
CA ILE A 153 -0.51 9.02 -1.80
C ILE A 153 -1.71 9.58 -2.55
N VAL A 154 -1.89 10.90 -2.55
CA VAL A 154 -3.02 11.50 -3.25
C VAL A 154 -2.94 11.17 -4.73
N LEU A 155 -1.75 11.39 -5.33
CA LEU A 155 -1.57 11.07 -6.74
C LEU A 155 -1.73 9.58 -7.00
N THR A 156 -1.22 8.74 -6.10
CA THR A 156 -1.33 7.29 -6.30
C THR A 156 -2.78 6.85 -6.28
N PHE A 157 -3.58 7.36 -5.33
CA PHE A 157 -5.00 7.04 -5.28
C PHE A 157 -5.76 7.62 -6.48
N GLU A 158 -5.39 8.81 -6.94
CA GLU A 158 -6.00 9.33 -8.17
C GLU A 158 -5.80 8.34 -9.31
N TYR A 159 -4.57 7.83 -9.46
CA TYR A 159 -4.25 6.81 -10.45
C TYR A 159 -5.08 5.54 -10.22
N LEU A 160 -4.98 4.94 -9.03
CA LEU A 160 -5.65 3.67 -8.80
C LEU A 160 -7.15 3.79 -8.96
N HIS A 161 -7.75 4.85 -8.40
CA HIS A 161 -9.19 4.99 -8.46
C HIS A 161 -9.69 5.18 -9.89
N SER A 162 -8.90 5.83 -10.74
CA SER A 162 -9.30 6.00 -12.14
C SER A 162 -9.39 4.66 -12.86
N LEU A 163 -8.63 3.67 -12.40
CA LEU A 163 -8.62 2.31 -12.94
C LEU A 163 -9.67 1.43 -12.30
N ASP A 164 -10.54 2.02 -11.46
CA ASP A 164 -11.57 1.29 -10.71
C ASP A 164 -10.96 0.36 -9.66
N LEU A 165 -9.77 0.69 -9.17
CA LEU A 165 -9.12 -0.06 -8.10
C LEU A 165 -9.32 0.64 -6.76
N ILE A 166 -9.59 -0.14 -5.71
CA ILE A 166 -9.51 0.34 -4.33
C ILE A 166 -8.32 -0.35 -3.68
N TYR A 167 -7.53 0.39 -2.90
CA TYR A 167 -6.31 -0.16 -2.32
C TYR A 167 -6.55 -0.91 -1.00
N ARG A 168 -7.23 -0.29 -0.04
CA ARG A 168 -7.79 -0.92 1.17
C ARG A 168 -6.77 -1.37 2.20
N ASP A 169 -5.51 -0.92 2.13
CA ASP A 169 -4.58 -1.27 3.19
C ASP A 169 -3.57 -0.15 3.43
N LEU A 170 -4.01 1.10 3.35
CA LEU A 170 -3.09 2.21 3.65
C LEU A 170 -2.74 2.24 5.13
N LYS A 171 -1.45 2.20 5.41
CA LYS A 171 -0.88 2.27 6.75
C LYS A 171 0.63 2.45 6.60
N PRO A 172 1.31 3.01 7.61
CA PRO A 172 2.74 3.28 7.44
C PRO A 172 3.59 2.06 7.14
N GLU A 173 3.21 0.88 7.59
CA GLU A 173 3.99 -0.32 7.34
C GLU A 173 4.06 -0.67 5.86
N ASN A 174 3.08 -0.23 5.05
CA ASN A 174 3.04 -0.58 3.64
C ASN A 174 3.66 0.46 2.74
N LEU A 175 4.32 1.47 3.31
CA LEU A 175 4.91 2.57 2.55
C LEU A 175 6.41 2.49 2.76
N LEU A 176 7.14 2.04 1.75
CA LEU A 176 8.58 1.96 1.84
C LEU A 176 9.19 3.25 1.34
N ILE A 177 10.34 3.60 1.89
N ILE A 177 10.34 3.61 1.89
CA ILE A 177 11.06 4.81 1.52
CA ILE A 177 11.05 4.83 1.51
C ILE A 177 12.24 4.41 0.65
C ILE A 177 12.25 4.43 0.66
N ASP A 178 12.31 4.97 -0.55
CA ASP A 178 13.31 4.55 -1.51
C ASP A 178 14.58 5.40 -1.43
N GLN A 179 15.54 5.12 -2.34
CA GLN A 179 16.86 5.73 -2.25
C GLN A 179 16.81 7.24 -2.46
N GLN A 180 15.75 7.76 -3.07
CA GLN A 180 15.57 9.20 -3.21
C GLN A 180 14.68 9.79 -2.12
N GLY A 181 14.23 8.99 -1.17
CA GLY A 181 13.33 9.46 -0.12
C GLY A 181 11.87 9.53 -0.49
N TYR A 182 11.49 9.02 -1.65
CA TYR A 182 10.10 8.92 -2.07
C TYR A 182 9.48 7.61 -1.59
N ILE A 183 8.14 7.62 -1.54
CA ILE A 183 7.30 6.49 -1.17
C ILE A 183 7.18 5.48 -2.30
N GLN A 184 7.19 4.20 -1.91
CA GLN A 184 6.79 3.09 -2.76
C GLN A 184 5.74 2.29 -2.00
N VAL A 185 4.52 2.23 -2.52
CA VAL A 185 3.45 1.46 -1.88
C VAL A 185 3.62 -0.01 -2.21
N THR A 186 3.57 -0.85 -1.18
CA THR A 186 3.62 -2.28 -1.32
C THR A 186 2.43 -2.91 -0.58
N ASP A 187 2.22 -4.18 -0.86
CA ASP A 187 1.19 -5.04 -0.29
C ASP A 187 -0.16 -4.69 -0.88
N PHE A 188 -0.47 -5.33 -2.01
CA PHE A 188 -1.76 -5.20 -2.67
C PHE A 188 -2.69 -6.35 -2.30
N GLY A 189 -2.47 -6.96 -1.11
CA GLY A 189 -3.24 -8.10 -0.70
C GLY A 189 -4.72 -7.86 -0.55
N PHE A 190 -5.13 -6.62 -0.29
CA PHE A 190 -6.54 -6.27 -0.22
C PHE A 190 -7.01 -5.42 -1.38
N ALA A 191 -6.13 -5.10 -2.34
CA ALA A 191 -6.54 -4.29 -3.47
C ALA A 191 -7.52 -5.05 -4.36
N LYS A 192 -8.47 -4.32 -4.94
CA LYS A 192 -9.52 -4.97 -5.70
C LYS A 192 -10.04 -4.06 -6.81
N ARG A 193 -10.34 -4.64 -7.96
CA ARG A 193 -11.02 -3.90 -9.01
C ARG A 193 -12.53 -3.98 -8.75
N VAL A 194 -13.15 -2.82 -8.60
CA VAL A 194 -14.51 -2.67 -8.10
C VAL A 194 -15.19 -1.60 -8.96
N LYS A 195 -16.26 -1.98 -9.63
CA LYS A 195 -17.21 -1.03 -10.19
C LYS A 195 -18.40 -0.97 -9.25
N GLY A 196 -18.61 0.17 -8.67
CA GLY A 196 -19.69 0.33 -7.71
C GLY A 196 -19.20 0.12 -6.30
N ARG A 197 -19.71 -0.90 -5.63
CA ARG A 197 -19.46 -1.14 -4.22
C ARG A 197 -18.82 -2.50 -4.04
N THR A 198 -18.23 -2.70 -2.85
CA THR A 198 -17.72 -4.00 -2.42
C THR A 198 -17.98 -4.14 -0.92
N TRP A 199 -17.83 -5.35 -0.41
CA TRP A 199 -18.35 -5.68 0.94
C TRP A 199 -17.38 -6.34 1.92
N TPO A 200 -16.17 -6.74 1.50
CA TPO A 200 -15.33 -7.56 2.38
CB TPO A 200 -14.16 -8.16 1.60
CG2 TPO A 200 -13.39 -9.18 2.46
OG1 TPO A 200 -14.67 -8.87 0.50
P TPO A 200 -14.18 -8.24 -0.89
O1P TPO A 200 -14.98 -9.06 -2.01
O2P TPO A 200 -12.72 -8.41 -1.05
O3P TPO A 200 -14.63 -6.71 -0.92
C TPO A 200 -14.81 -6.76 3.56
O TPO A 200 -14.26 -5.68 3.38
H TPO A 200 -15.85 -6.56 0.73
HA TPO A 200 -15.86 -8.29 2.73
HB TPO A 200 -13.48 -7.38 1.26
HG21 TPO A 200 -12.57 -9.59 1.89
HG22 TPO A 200 -14.08 -9.97 2.76
HG23 TPO A 200 -13.00 -8.67 3.35
N LEU A 201 -14.90 -7.39 4.73
CA LEU A 201 -14.23 -6.87 5.92
C LEU A 201 -12.74 -7.16 5.84
N CYS A 202 -11.96 -6.11 5.61
CA CYS A 202 -10.51 -6.23 5.56
C CYS A 202 -9.90 -4.85 5.79
N GLY A 203 -8.62 -4.88 6.13
CA GLY A 203 -7.84 -3.73 6.50
C GLY A 203 -7.30 -3.88 7.90
N THR A 204 -6.69 -2.82 8.40
CA THR A 204 -6.18 -2.78 9.75
C THR A 204 -7.07 -1.91 10.62
N PRO A 205 -7.42 -2.34 11.86
CA PRO A 205 -8.47 -1.65 12.63
C PRO A 205 -8.36 -0.14 12.70
N GLU A 206 -7.18 0.40 13.03
CA GLU A 206 -6.99 1.83 13.20
C GLU A 206 -7.33 2.63 11.95
N TYR A 207 -7.29 2.00 10.77
N TYR A 207 -7.29 2.00 10.77
CA TYR A 207 -7.43 2.70 9.50
CA TYR A 207 -7.41 2.69 9.50
C TYR A 207 -8.77 2.45 8.82
C TYR A 207 -8.74 2.41 8.81
N LEU A 208 -9.64 1.64 9.43
CA LEU A 208 -10.92 1.30 8.82
C LEU A 208 -11.90 2.45 8.85
N ALA A 209 -12.54 2.70 7.71
CA ALA A 209 -13.60 3.70 7.63
C ALA A 209 -14.85 3.21 8.35
N PRO A 210 -15.71 4.12 8.81
CA PRO A 210 -16.93 3.69 9.51
C PRO A 210 -17.76 2.73 8.70
N GLU A 211 -17.86 2.93 7.39
CA GLU A 211 -18.76 2.10 6.61
C GLU A 211 -18.24 0.66 6.48
N ILE A 212 -16.93 0.43 6.62
CA ILE A 212 -16.41 -0.93 6.71
C ILE A 212 -16.83 -1.56 8.04
N ILE A 213 -16.63 -0.84 9.14
CA ILE A 213 -16.97 -1.35 10.46
C ILE A 213 -18.44 -1.73 10.55
N LEU A 214 -19.31 -0.93 9.93
CA LEU A 214 -20.75 -1.14 9.97
C LEU A 214 -21.25 -2.09 8.87
N SER A 215 -20.35 -2.77 8.14
CA SER A 215 -20.74 -3.85 7.22
C SER A 215 -21.59 -3.35 6.05
N LYS A 216 -21.31 -2.15 5.59
CA LYS A 216 -22.01 -1.56 4.44
C LYS A 216 -21.30 -1.93 3.15
N GLY A 217 -22.01 -1.76 2.04
CA GLY A 217 -21.37 -1.77 0.74
C GLY A 217 -20.62 -0.47 0.56
N TYR A 218 -19.32 -0.56 0.30
CA TYR A 218 -18.48 0.62 0.36
C TYR A 218 -17.67 0.77 -0.93
N ASN A 219 -17.04 1.93 -1.08
CA ASN A 219 -16.37 2.27 -2.33
C ASN A 219 -15.03 2.93 -2.02
N LYS A 220 -14.45 3.60 -3.03
CA LYS A 220 -13.13 4.21 -2.92
C LYS A 220 -13.03 5.23 -1.80
N ALA A 221 -14.16 5.74 -1.30
CA ALA A 221 -14.13 6.68 -0.19
C ALA A 221 -13.39 6.12 1.01
N VAL A 222 -13.32 4.79 1.15
CA VAL A 222 -12.59 4.22 2.29
C VAL A 222 -11.10 4.51 2.20
N ASP A 223 -10.55 4.65 0.99
CA ASP A 223 -9.13 4.99 0.84
C ASP A 223 -8.86 6.43 1.29
N TRP A 224 -9.79 7.34 0.98
CA TRP A 224 -9.60 8.73 1.38
C TRP A 224 -9.71 8.88 2.90
N TRP A 225 -10.62 8.14 3.54
CA TRP A 225 -10.67 8.09 5.00
C TRP A 225 -9.32 7.62 5.56
N ALA A 226 -8.79 6.53 5.02
CA ALA A 226 -7.51 6.03 5.47
C ALA A 226 -6.39 7.05 5.26
N LEU A 227 -6.44 7.83 4.19
CA LEU A 227 -5.46 8.91 4.04
C LEU A 227 -5.55 9.91 5.19
N GLY A 228 -6.77 10.26 5.60
CA GLY A 228 -6.93 11.10 6.78
C GLY A 228 -6.25 10.51 8.00
N VAL A 229 -6.43 9.20 8.22
CA VAL A 229 -5.78 8.54 9.36
C VAL A 229 -4.27 8.63 9.23
N LEU A 230 -3.76 8.36 8.03
CA LEU A 230 -2.31 8.35 7.81
C LEU A 230 -1.72 9.74 8.04
N ILE A 231 -2.36 10.78 7.50
CA ILE A 231 -1.84 12.13 7.66
C ILE A 231 -1.84 12.51 9.14
N TYR A 232 -2.93 12.21 9.85
CA TYR A 232 -2.97 12.47 11.29
C TYR A 232 -1.81 11.75 12.00
N GLU A 233 -1.63 10.46 11.71
CA GLU A 233 -0.59 9.68 12.39
C GLU A 233 0.80 10.22 12.06
N MET A 234 1.04 10.59 10.80
CA MET A 234 2.34 11.16 10.42
C MET A 234 2.64 12.44 11.19
N ALA A 235 1.62 13.33 11.33
CA ALA A 235 1.85 14.64 11.94
C ALA A 235 1.80 14.62 13.46
N ALA A 236 1.07 13.67 14.05
CA ALA A 236 0.94 13.57 15.51
C ALA A 236 1.91 12.56 16.13
N GLY A 237 2.24 11.50 15.40
CA GLY A 237 3.03 10.39 15.89
C GLY A 237 2.20 9.18 16.33
N TYR A 238 0.88 9.31 16.36
CA TYR A 238 -0.05 8.27 16.80
C TYR A 238 -1.34 8.45 16.01
N PRO A 239 -2.13 7.39 15.82
CA PRO A 239 -3.32 7.50 14.99
C PRO A 239 -4.45 8.15 15.77
N PRO A 240 -5.47 8.67 15.07
CA PRO A 240 -6.52 9.44 15.76
C PRO A 240 -7.47 8.60 16.59
N PHE A 241 -7.64 7.32 16.25
CA PHE A 241 -8.53 6.40 16.97
C PHE A 241 -7.67 5.24 17.45
N PHE A 242 -7.38 5.23 18.75
CA PHE A 242 -6.45 4.30 19.35
C PHE A 242 -7.07 3.70 20.60
N ALA A 243 -6.85 2.41 20.81
CA ALA A 243 -7.34 1.75 22.02
C ALA A 243 -6.75 0.34 22.07
N ASP A 244 -6.99 -0.34 23.18
N ASP A 244 -7.00 -0.33 23.19
CA ASP A 244 -6.36 -1.65 23.39
CA ASP A 244 -6.42 -1.64 23.45
C ASP A 244 -7.08 -2.75 22.63
C ASP A 244 -7.10 -2.73 22.64
N GLN A 245 -8.42 -2.75 22.64
CA GLN A 245 -9.19 -3.72 21.88
C GLN A 245 -9.72 -3.08 20.60
N PRO A 246 -9.76 -3.84 19.50
CA PRO A 246 -10.40 -3.29 18.28
C PRO A 246 -11.79 -2.72 18.53
N ILE A 247 -12.64 -3.39 19.32
CA ILE A 247 -14.01 -2.91 19.49
C ILE A 247 -14.01 -1.49 20.05
N GLN A 248 -13.07 -1.18 20.94
CA GLN A 248 -12.96 0.18 21.46
C GLN A 248 -12.49 1.15 20.38
N ILE A 249 -11.58 0.70 19.52
CA ILE A 249 -11.17 1.51 18.38
C ILE A 249 -12.39 1.81 17.50
N TYR A 250 -13.17 0.76 17.22
CA TYR A 250 -14.30 0.91 16.31
C TYR A 250 -15.32 1.90 16.85
N GLU A 251 -15.55 1.88 18.18
CA GLU A 251 -16.47 2.84 18.78
C GLU A 251 -16.04 4.28 18.53
N LYS A 252 -14.72 4.55 18.63
CA LYS A 252 -14.23 5.90 18.39
C LYS A 252 -14.37 6.28 16.93
N ILE A 253 -14.03 5.36 16.02
CA ILE A 253 -14.14 5.63 14.58
C ILE A 253 -15.56 6.04 14.21
N VAL A 254 -16.56 5.28 14.64
CA VAL A 254 -17.92 5.58 14.22
C VAL A 254 -18.53 6.79 14.92
N SER A 255 -17.88 7.33 15.97
CA SER A 255 -18.47 8.38 16.80
C SER A 255 -18.60 9.73 16.11
N GLY A 256 -17.76 10.03 15.11
CA GLY A 256 -17.77 11.35 14.52
C GLY A 256 -17.00 12.40 15.30
N LYS A 257 -16.13 11.97 16.23
CA LYS A 257 -15.34 12.85 17.08
C LYS A 257 -13.85 12.55 16.91
N VAL A 258 -13.05 13.59 16.73
CA VAL A 258 -11.60 13.48 16.67
C VAL A 258 -11.01 14.65 17.44
N ARG A 259 -9.94 14.40 18.18
CA ARG A 259 -9.21 15.43 18.91
C ARG A 259 -7.89 15.68 18.19
N PHE A 260 -7.56 16.94 17.97
CA PHE A 260 -6.36 17.30 17.28
C PHE A 260 -5.34 17.88 18.25
N PRO A 261 -4.06 17.54 18.11
CA PRO A 261 -3.03 18.22 18.91
C PRO A 261 -3.03 19.71 18.62
N SER A 262 -2.73 20.48 19.65
CA SER A 262 -2.71 21.92 19.47
C SER A 262 -1.63 22.36 18.47
N HIS A 263 -0.57 21.57 18.27
CA HIS A 263 0.46 21.97 17.32
C HIS A 263 0.03 21.82 15.87
N PHE A 264 -1.10 21.15 15.58
CA PHE A 264 -1.60 21.07 14.20
C PHE A 264 -1.98 22.45 13.71
N SER A 265 -1.63 22.75 12.47
CA SER A 265 -2.12 23.97 11.85
C SER A 265 -3.62 23.92 11.64
N SER A 266 -4.24 25.11 11.53
CA SER A 266 -5.65 25.18 11.21
C SER A 266 -5.98 24.53 9.86
N ASP A 267 -5.12 24.75 8.86
CA ASP A 267 -5.30 24.11 7.55
C ASP A 267 -5.29 22.59 7.66
N LEU A 268 -4.37 22.03 8.46
CA LEU A 268 -4.32 20.58 8.64
C LEU A 268 -5.59 20.08 9.29
N LYS A 269 -6.04 20.74 10.36
CA LYS A 269 -7.26 20.31 11.02
C LYS A 269 -8.45 20.34 10.06
N ASP A 270 -8.53 21.37 9.22
CA ASP A 270 -9.65 21.47 8.31
C ASP A 270 -9.64 20.34 7.28
N LEU A 271 -8.46 20.06 6.71
CA LEU A 271 -8.38 18.96 5.76
C LEU A 271 -8.77 17.65 6.43
N LEU A 272 -8.29 17.44 7.65
CA LEU A 272 -8.53 16.17 8.32
C LEU A 272 -10.00 15.99 8.66
N ARG A 273 -10.70 17.07 9.06
CA ARG A 273 -12.13 16.95 9.32
C ARG A 273 -12.89 16.51 8.09
N ASN A 274 -12.42 16.91 6.91
CA ASN A 274 -13.07 16.55 5.66
C ASN A 274 -12.66 15.19 5.11
N LEU A 275 -11.47 14.69 5.47
CA LEU A 275 -11.11 13.30 5.16
C LEU A 275 -11.69 12.33 6.18
N LEU A 276 -11.64 12.68 7.47
CA LEU A 276 -12.20 11.85 8.53
C LEU A 276 -13.66 12.18 8.77
N GLN A 277 -14.38 12.35 7.66
CA GLN A 277 -15.81 12.62 7.66
C GLN A 277 -16.55 11.29 7.70
N VAL A 278 -17.33 11.06 8.77
CA VAL A 278 -17.99 9.76 8.95
C VAL A 278 -19.06 9.53 7.88
N ASP A 279 -19.70 10.58 7.40
CA ASP A 279 -20.69 10.48 6.33
C ASP A 279 -19.95 10.38 5.01
N LEU A 280 -19.92 9.19 4.42
CA LEU A 280 -19.10 9.01 3.22
C LEU A 280 -19.59 9.86 2.07
N THR A 281 -20.86 10.30 2.09
CA THR A 281 -21.35 11.15 1.01
C THR A 281 -20.87 12.59 1.13
N LYS A 282 -20.23 12.96 2.24
CA LYS A 282 -19.67 14.30 2.43
C LYS A 282 -18.16 14.31 2.53
N ARG A 283 -17.53 13.17 2.31
CA ARG A 283 -16.09 13.01 2.55
C ARG A 283 -15.28 13.47 1.33
N PHE A 284 -14.24 14.27 1.58
CA PHE A 284 -13.33 14.66 0.52
C PHE A 284 -12.77 13.45 -0.20
N GLY A 285 -12.69 13.58 -1.52
CA GLY A 285 -12.35 12.48 -2.40
C GLY A 285 -13.56 11.76 -2.98
N ASN A 286 -14.73 11.94 -2.37
CA ASN A 286 -15.94 11.25 -2.82
C ASN A 286 -17.04 12.22 -3.21
N LEU A 287 -16.69 13.47 -3.49
CA LEU A 287 -17.63 14.50 -3.91
C LEU A 287 -17.52 14.72 -5.42
N LYS A 288 -18.37 15.61 -5.93
CA LYS A 288 -18.41 15.85 -7.37
C LYS A 288 -17.07 16.28 -7.94
N ASN A 289 -16.29 17.06 -7.17
CA ASN A 289 -14.97 17.47 -7.64
C ASN A 289 -13.89 16.45 -7.36
N GLY A 290 -14.23 15.31 -6.78
CA GLY A 290 -13.29 14.20 -6.67
C GLY A 290 -12.02 14.60 -5.96
N VAL A 291 -10.89 14.20 -6.54
CA VAL A 291 -9.61 14.38 -5.89
C VAL A 291 -9.25 15.86 -5.81
N ASN A 292 -9.83 16.69 -6.66
CA ASN A 292 -9.43 18.09 -6.68
C ASN A 292 -9.85 18.83 -5.42
N ASP A 293 -10.84 18.35 -4.67
CA ASP A 293 -11.13 18.98 -3.39
C ASP A 293 -9.96 18.83 -2.43
N ILE A 294 -9.19 17.77 -2.59
CA ILE A 294 -8.00 17.56 -1.78
C ILE A 294 -6.82 18.32 -2.37
N LYS A 295 -6.57 18.17 -3.67
CA LYS A 295 -5.40 18.81 -4.27
C LYS A 295 -5.43 20.33 -4.15
N ASN A 296 -6.61 20.94 -4.13
CA ASN A 296 -6.76 22.38 -4.05
C ASN A 296 -6.95 22.91 -2.64
N HIS A 297 -6.93 22.02 -1.64
CA HIS A 297 -7.07 22.45 -0.25
C HIS A 297 -5.86 23.28 0.16
N LYS A 298 -6.12 24.28 1.03
CA LYS A 298 -5.05 25.16 1.51
C LYS A 298 -3.85 24.42 2.11
N TRP A 299 -4.08 23.27 2.76
CA TRP A 299 -2.94 22.55 3.32
C TRP A 299 -1.97 22.11 2.24
N PHE A 300 -2.42 21.95 1.00
CA PHE A 300 -1.55 21.57 -0.10
C PHE A 300 -1.15 22.76 -0.97
N ALA A 301 -1.35 24.01 -0.50
CA ALA A 301 -1.07 25.16 -1.36
C ALA A 301 0.38 25.22 -1.83
N THR A 302 1.34 24.74 -1.03
CA THR A 302 2.74 24.76 -1.44
C THR A 302 3.16 23.57 -2.28
N THR A 303 2.25 22.66 -2.59
CA THR A 303 2.59 21.45 -3.32
C THR A 303 2.52 21.68 -4.83
N ASP A 304 3.62 21.39 -5.51
CA ASP A 304 3.69 21.38 -6.97
C ASP A 304 3.44 19.94 -7.39
N TRP A 305 2.20 19.63 -7.77
CA TRP A 305 1.79 18.26 -8.00
C TRP A 305 2.61 17.62 -9.11
N ILE A 306 2.87 18.36 -10.19
CA ILE A 306 3.65 17.80 -11.29
C ILE A 306 5.09 17.51 -10.83
N ALA A 307 5.68 18.43 -10.07
CA ALA A 307 7.05 18.23 -9.61
C ALA A 307 7.15 16.97 -8.74
N ILE A 308 6.15 16.73 -7.88
CA ILE A 308 6.15 15.51 -7.08
C ILE A 308 6.10 14.28 -7.98
N TYR A 309 5.15 14.27 -8.93
CA TYR A 309 5.02 13.16 -9.85
C TYR A 309 6.32 12.88 -10.59
N GLN A 310 6.99 13.93 -11.05
CA GLN A 310 8.24 13.82 -11.79
C GLN A 310 9.45 13.57 -10.89
N ARG A 311 9.22 13.50 -9.56
CA ARG A 311 10.28 13.25 -8.59
C ARG A 311 11.37 14.32 -8.67
N LYS A 312 10.96 15.57 -8.86
CA LYS A 312 11.87 16.70 -8.93
C LYS A 312 12.00 17.44 -7.60
N VAL A 313 11.20 17.10 -6.59
CA VAL A 313 11.27 17.74 -5.28
C VAL A 313 12.32 17.03 -4.42
N GLU A 314 13.19 17.81 -3.78
CA GLU A 314 14.12 17.23 -2.82
C GLU A 314 13.35 16.66 -1.63
N ALA A 315 13.67 15.45 -1.25
CA ALA A 315 12.91 14.76 -0.21
C ALA A 315 13.30 15.23 1.19
N PRO A 316 12.39 15.06 2.16
CA PRO A 316 12.72 15.44 3.55
C PRO A 316 13.89 14.67 4.14
N PHE A 317 14.02 13.39 3.86
CA PHE A 317 15.25 12.71 4.22
C PHE A 317 15.46 11.49 3.33
N ILE A 318 16.71 11.13 3.20
CA ILE A 318 17.12 9.92 2.50
C ILE A 318 17.45 8.88 3.55
N PRO A 319 16.89 7.70 3.50
CA PRO A 319 17.27 6.67 4.47
C PRO A 319 18.75 6.36 4.35
N LYS A 320 19.32 5.97 5.48
CA LYS A 320 20.73 5.57 5.52
C LYS A 320 20.82 4.08 5.23
N PHE A 321 21.59 3.74 4.22
CA PHE A 321 21.83 2.35 3.86
C PHE A 321 23.07 2.29 2.99
N LYS A 322 23.68 1.11 2.91
CA LYS A 322 25.01 1.00 2.33
C LYS A 322 25.01 0.56 0.87
N GLY A 323 23.90 0.03 0.38
CA GLY A 323 23.83 -0.49 -0.95
C GLY A 323 22.55 -1.24 -1.17
N PRO A 324 22.33 -1.74 -2.39
CA PRO A 324 21.05 -2.39 -2.72
C PRO A 324 20.82 -3.71 -2.00
N GLY A 325 21.84 -4.29 -1.35
CA GLY A 325 21.68 -5.48 -0.56
C GLY A 325 21.60 -5.24 0.93
N ASP A 326 21.61 -3.99 1.38
CA ASP A 326 21.63 -3.69 2.80
C ASP A 326 20.26 -3.94 3.38
N THR A 327 20.19 -4.70 4.47
CA THR A 327 18.94 -4.99 5.16
C THR A 327 18.80 -4.27 6.51
N SER A 328 19.67 -3.29 6.80
N SER A 328 19.67 -3.29 6.80
CA SER A 328 19.73 -2.70 8.13
CA SER A 328 19.73 -2.69 8.14
C SER A 328 18.41 -2.01 8.50
C SER A 328 18.47 -1.91 8.50
N ASN A 329 17.66 -1.53 7.53
CA ASN A 329 16.42 -0.82 7.83
C ASN A 329 15.22 -1.73 8.01
N PHE A 330 15.42 -3.04 7.94
CA PHE A 330 14.40 -4.03 8.26
C PHE A 330 14.84 -4.79 9.49
N ASP A 331 13.91 -5.48 10.10
CA ASP A 331 14.23 -6.11 11.37
C ASP A 331 14.41 -7.61 11.20
N ASP A 332 14.66 -8.27 12.32
CA ASP A 332 15.16 -9.64 12.34
C ASP A 332 14.04 -10.62 12.68
N TYR A 333 13.94 -11.68 11.87
CA TYR A 333 12.93 -12.72 12.02
C TYR A 333 13.62 -14.08 12.01
N GLU A 334 12.99 -15.05 12.66
CA GLU A 334 13.45 -16.43 12.58
C GLU A 334 13.49 -16.86 11.12
N GLU A 335 14.60 -17.46 10.70
CA GLU A 335 14.77 -17.90 9.32
C GLU A 335 14.21 -19.31 9.18
N GLU A 336 13.10 -19.45 8.45
CA GLU A 336 12.43 -20.74 8.25
C GLU A 336 12.60 -21.25 6.82
N GLU A 337 12.49 -22.58 6.66
CA GLU A 337 12.59 -23.23 5.35
C GLU A 337 11.58 -22.70 4.33
N ILE A 338 11.96 -22.72 3.06
CA ILE A 338 11.03 -22.57 1.92
C ILE A 338 10.85 -23.97 1.36
N ARG A 339 9.88 -24.70 1.89
CA ARG A 339 9.70 -26.09 1.50
C ARG A 339 8.69 -26.19 0.36
N VAL A 340 9.01 -27.03 -0.62
CA VAL A 340 8.14 -27.24 -1.77
C VAL A 340 7.74 -28.72 -1.81
N SEP A 341 6.46 -28.99 -1.64
CA SEP A 341 5.97 -30.36 -1.55
CB SEP A 341 4.47 -30.35 -1.24
OG SEP A 341 3.88 -31.62 -1.35
C SEP A 341 6.25 -31.09 -2.86
O SEP A 341 6.37 -30.46 -3.91
P SEP A 341 4.11 -32.57 -0.07
O1P SEP A 341 2.91 -33.64 -0.12
O2P SEP A 341 5.52 -33.30 -0.19
O3P SEP A 341 3.97 -31.75 1.30
H SEP A 341 5.84 -28.40 -1.57
HA SEP A 341 6.45 -30.84 -0.83
HB2 SEP A 341 4.04 -29.74 -1.85
HB3 SEP A 341 4.36 -30.04 -0.32
N ILE A 342 6.40 -32.40 -2.77
CA ILE A 342 6.56 -33.21 -3.96
C ILE A 342 5.22 -33.41 -4.69
N ASN A 343 4.11 -33.04 -4.03
CA ASN A 343 2.76 -33.12 -4.60
C ASN A 343 2.15 -31.72 -4.71
N GLU A 344 1.43 -31.49 -5.82
CA GLU A 344 0.79 -30.19 -6.03
C GLU A 344 -0.37 -29.99 -5.05
N LYS A 345 -0.41 -28.83 -4.40
CA LYS A 345 -1.51 -28.45 -3.53
C LYS A 345 -2.35 -27.35 -4.16
N CYS A 346 -3.67 -27.47 -4.05
CA CYS A 346 -4.59 -26.39 -4.37
C CYS A 346 -4.39 -25.89 -5.81
N GLY A 347 -4.08 -26.82 -6.72
CA GLY A 347 -3.85 -26.42 -8.10
C GLY A 347 -5.05 -25.72 -8.71
N LYS A 348 -6.24 -26.27 -8.50
CA LYS A 348 -7.44 -25.70 -9.11
C LYS A 348 -7.64 -24.26 -8.67
N GLU A 349 -7.57 -24.01 -7.36
CA GLU A 349 -7.87 -22.70 -6.82
C GLU A 349 -7.00 -21.61 -7.43
N PHE A 350 -5.75 -21.92 -7.76
CA PHE A 350 -4.80 -20.91 -8.21
C PHE A 350 -4.43 -21.05 -9.69
N THR A 351 -5.31 -21.68 -10.48
CA THR A 351 -5.03 -21.87 -11.90
C THR A 351 -4.62 -20.57 -12.59
N GLU A 352 -5.29 -19.45 -12.30
CA GLU A 352 -5.02 -18.23 -13.06
C GLU A 352 -3.74 -17.52 -12.62
N PHE A 353 -3.13 -17.91 -11.51
CA PHE A 353 -1.96 -17.21 -10.99
C PHE A 353 -0.75 -17.46 -11.90
C1 MPD B . -10.74 -10.87 -10.62
C2 MPD B . -9.54 -11.80 -10.39
O2 MPD B . -9.08 -12.34 -11.64
CM MPD B . -8.35 -11.02 -9.84
C3 MPD B . -9.91 -12.92 -9.41
C4 MPD B . -10.99 -13.87 -9.93
O4 MPD B . -10.66 -14.34 -11.22
C5 MPD B . -11.16 -15.06 -8.99
H11 MPD B . -11.59 -11.23 -10.04
H12 MPD B . -10.99 -10.88 -11.69
H13 MPD B . -10.48 -9.86 -10.32
HO2 MPD B . -9.11 -13.32 -11.60
HM1 MPD B . -8.04 -11.44 -8.89
HM2 MPD B . -8.63 -9.97 -9.70
HM3 MPD B . -7.53 -11.07 -10.55
H31 MPD B . -10.26 -12.47 -8.47
H32 MPD B . -9.01 -13.49 -9.18
H4 MPD B . -11.92 -13.33 -9.98
HO4 MPD B . -11.40 -14.88 -11.57
H51 MPD B . -11.00 -15.99 -9.54
H52 MPD B . -12.17 -15.06 -8.58
H53 MPD B . -10.44 -14.99 -8.17
C1 MPD C . 0.88 14.39 -12.62
C2 MPD C . -0.47 13.82 -13.05
O2 MPD C . -1.45 14.82 -12.62
CM MPD C . -0.62 13.81 -14.57
C3 MPD C . -0.71 12.42 -12.46
C4 MPD C . -2.02 12.27 -11.72
O4 MPD C . -3.05 12.65 -12.61
C5 MPD C . -2.25 10.85 -11.20
H11 MPD C . 1.39 13.66 -11.98
H12 MPD C . 1.50 14.60 -13.50
H13 MPD C . 0.73 15.32 -12.07
HO2 MPD C . -2.10 14.41 -12.02
HM1 MPD C . -0.85 12.80 -14.92
HM2 MPD C . 0.32 14.13 -15.03
HM3 MPD C . -1.42 14.49 -14.88
H31 MPD C . -0.67 11.68 -13.27
H32 MPD C . 0.11 12.18 -11.78
H4 MPD C . -2.01 12.95 -10.87
HO4 MPD C . -3.92 12.54 -12.18
H51 MPD C . -3.15 10.44 -11.64
H52 MPD C . -2.34 10.88 -10.12
H53 MPD C . -1.39 10.23 -11.48
O10 5H1 D . 11.09 -4.07 -1.45
C5 5H1 D . 10.15 -4.64 -0.63
C6 5H1 D . 8.89 -4.97 -1.15
C7 5H1 D . 7.93 -5.52 -0.32
C8 5H1 D . 8.24 -5.74 1.01
N1 5H1 D . 7.48 -6.26 2.04
C4 5H1 D . 10.47 -4.89 0.69
C9 5H1 D . 9.51 -5.45 1.54
C3 5H1 D . 9.48 -5.84 2.92
C2 5H1 D . 8.24 -6.33 3.17
HO10 5H1 D . 10.69 -3.95 -2.35
H6 5H1 D . 8.67 -4.76 -2.19
H7 5H1 D . 6.95 -5.79 -0.72
H4 5H1 D . 11.44 -4.66 1.11
H3 5H1 D . 10.32 -5.76 3.61
H2 5H1 D . 7.85 -6.72 4.10
HN1 5H1 D . 6.50 -6.56 1.95
S DMS E . -4.72 14.46 21.55
O DMS E . -5.14 14.57 20.12
C1 DMS E . -4.05 16.04 22.12
C2 DMS E . -6.18 14.34 22.62
H11 DMS E . -4.75 16.81 21.95
H12 DMS E . -3.83 15.98 23.15
H13 DMS E . -3.16 16.26 21.58
H21 DMS E . -5.87 14.35 23.63
H22 DMS E . -6.81 15.17 22.44
H23 DMS E . -6.70 13.44 22.41
#